data_4NFZ
#
_entry.id   4NFZ
#
_cell.length_a   74.300
_cell.length_b   74.300
_cell.length_c   401.159
_cell.angle_alpha   90.00
_cell.angle_beta   90.00
_cell.angle_gamma   120.00
#
_symmetry.space_group_name_H-M   'P 61 2 2'
#
loop_
_entity.id
_entity.type
_entity.pdbx_description
1 polymer 'Polymerase PA'
2 non-polymer 'MANGANESE (II) ION'
3 water water
#
_entity_poly.entity_id   1
_entity_poly.type   'polypeptide(L)'
_entity_poly.pdbx_seq_one_letter_code
;MENFVRTNFNPMILERAEKTMKEYGENPQNEGNKFAAISTHMEVCFMYSDFHFIDLEGNTIVKENDDDNAMLKHRFEIIE
GQERNIAWTIVNSICNMTENSKPRFLPDLYDYKTNKFIEIGVTRRKVEDYYYEKASKLKGENVYIHIFSFDGEEMATDDE
YILDEESRARIKTRLFVLRQELATAGLWDSFRQSEKGEETLEEEFSLEHHHHHH
;
_entity_poly.pdbx_strand_id   A,B,C
#
loop_
_chem_comp.id
_chem_comp.type
_chem_comp.name
_chem_comp.formula
MN non-polymer 'MANGANESE (II) ION' 'Mn 2'
#
# COMPACT_ATOMS: atom_id res chain seq x y z
N MET A 1 -17.15 -19.07 19.08
CA MET A 1 -16.72 -20.34 18.38
C MET A 1 -17.21 -20.35 16.91
N GLU A 2 -16.49 -21.08 16.06
CA GLU A 2 -16.68 -21.05 14.64
C GLU A 2 -18.10 -21.42 14.17
N ASN A 3 -18.66 -22.52 14.62
CA ASN A 3 -20.04 -22.75 14.25
C ASN A 3 -20.98 -21.65 14.66
N PHE A 4 -20.81 -21.17 15.88
CA PHE A 4 -21.62 -20.07 16.35
C PHE A 4 -21.51 -18.83 15.44
N VAL A 5 -20.28 -18.41 15.20
CA VAL A 5 -20.02 -17.29 14.29
C VAL A 5 -20.62 -17.48 12.91
N ARG A 6 -20.37 -18.63 12.32
CA ARG A 6 -20.88 -18.93 10.96
C ARG A 6 -22.38 -19.03 10.94
N THR A 7 -22.98 -19.23 12.12
CA THR A 7 -24.42 -19.30 12.21
C THR A 7 -25.01 -17.92 12.38
N ASN A 8 -24.27 -17.05 13.07
CA ASN A 8 -24.89 -15.81 13.55
C ASN A 8 -24.48 -14.56 12.82
N PHE A 9 -23.64 -14.71 11.83
CA PHE A 9 -23.28 -13.55 11.02
C PHE A 9 -23.52 -13.85 9.57
N ASN A 10 -23.88 -12.80 8.83
CA ASN A 10 -24.14 -12.91 7.41
C ASN A 10 -22.86 -13.18 6.65
N PRO A 11 -22.98 -13.63 5.41
CA PRO A 11 -21.81 -14.11 4.67
C PRO A 11 -20.78 -13.02 4.35
N MET A 12 -21.24 -11.79 4.17
CA MET A 12 -20.37 -10.68 3.84
C MET A 12 -19.38 -10.48 4.98
N ILE A 13 -19.93 -10.33 6.18
CA ILE A 13 -19.15 -10.20 7.39
C ILE A 13 -18.19 -11.39 7.56
N LEU A 14 -18.67 -12.62 7.34
CA LEU A 14 -17.84 -13.81 7.53
C LEU A 14 -16.66 -13.80 6.60
N GLU A 15 -16.95 -13.50 5.34
CA GLU A 15 -15.93 -13.31 4.32
C GLU A 15 -14.83 -12.34 4.78
N ARG A 16 -15.22 -11.11 5.13
CA ARG A 16 -14.26 -10.11 5.58
C ARG A 16 -13.50 -10.53 6.83
N ALA A 17 -14.21 -11.11 7.80
CA ALA A 17 -13.59 -11.52 9.06
C ALA A 17 -12.51 -12.59 8.82
N GLU A 18 -12.91 -13.65 8.12
CA GLU A 18 -11.97 -14.70 7.76
C GLU A 18 -10.78 -14.10 7.04
N LYS A 19 -11.05 -13.19 6.11
CA LYS A 19 -10.02 -12.51 5.36
C LYS A 19 -9.00 -11.88 6.30
N THR A 20 -9.43 -10.84 7.01
CA THR A 20 -8.52 -10.14 7.91
C THR A 20 -7.81 -11.12 8.89
N MET A 21 -8.44 -12.27 9.13
CA MET A 21 -7.87 -13.23 10.06
C MET A 21 -6.73 -14.02 9.42
N LYS A 22 -6.85 -14.27 8.12
CA LYS A 22 -5.82 -14.99 7.38
C LYS A 22 -4.64 -14.08 7.09
N GLU A 23 -4.23 -13.30 8.08
CA GLU A 23 -3.11 -12.38 7.93
C GLU A 23 -2.21 -12.37 9.15
N TYR A 24 -2.69 -12.97 10.22
CA TYR A 24 -1.90 -13.13 11.44
C TYR A 24 -1.68 -14.61 11.72
N GLY A 25 -1.90 -15.44 10.71
CA GLY A 25 -1.70 -16.87 10.81
C GLY A 25 -2.84 -17.58 11.52
N GLU A 26 -3.61 -16.84 12.31
CA GLU A 26 -4.72 -17.41 13.05
C GLU A 26 -5.89 -17.74 12.15
N ASN A 27 -6.62 -18.80 12.51
CA ASN A 27 -7.79 -19.23 11.75
C ASN A 27 -8.95 -19.60 12.66
N PRO A 28 -10.16 -19.27 12.24
CA PRO A 28 -11.36 -19.55 13.02
C PRO A 28 -11.25 -20.86 13.80
N GLN A 29 -10.46 -21.79 13.28
CA GLN A 29 -10.31 -23.11 13.90
C GLN A 29 -9.80 -23.01 15.34
N ASN A 30 -8.52 -22.68 15.49
CA ASN A 30 -7.92 -22.60 16.81
C ASN A 30 -8.08 -21.22 17.46
N GLU A 31 -8.80 -20.34 16.77
CA GLU A 31 -9.03 -18.99 17.29
C GLU A 31 -10.48 -18.55 17.09
N GLY A 32 -11.40 -19.37 17.56
CA GLY A 32 -12.83 -19.05 17.51
C GLY A 32 -13.11 -17.67 18.10
N ASN A 33 -12.55 -17.41 19.28
CA ASN A 33 -12.78 -16.17 19.99
C ASN A 33 -12.36 -14.91 19.19
N LYS A 34 -11.19 -14.96 18.56
CA LYS A 34 -10.76 -13.84 17.76
C LYS A 34 -11.76 -13.66 16.59
N PHE A 35 -12.17 -14.77 15.99
CA PHE A 35 -13.05 -14.78 14.84
C PHE A 35 -14.36 -14.08 15.19
N ALA A 36 -14.85 -14.40 16.39
CA ALA A 36 -16.04 -13.80 16.98
C ALA A 36 -15.89 -12.29 17.17
N ALA A 37 -14.83 -11.89 17.88
CA ALA A 37 -14.47 -10.48 18.09
C ALA A 37 -14.41 -9.65 16.82
N ILE A 38 -13.78 -10.22 15.80
CA ILE A 38 -13.62 -9.52 14.55
C ILE A 38 -14.95 -9.40 13.85
N SER A 39 -15.70 -10.50 13.86
CA SER A 39 -17.03 -10.51 13.26
C SER A 39 -17.92 -9.44 13.86
N THR A 40 -17.88 -9.35 15.17
CA THR A 40 -18.71 -8.43 15.89
C THR A 40 -18.33 -7.01 15.56
N HIS A 41 -17.06 -6.70 15.73
CA HIS A 41 -16.49 -5.40 15.46
C HIS A 41 -16.84 -4.88 14.04
N MET A 42 -16.69 -5.79 13.09
CA MET A 42 -17.07 -5.56 11.71
C MET A 42 -18.57 -5.27 11.56
N GLU A 43 -19.42 -6.15 12.08
CA GLU A 43 -20.85 -5.92 11.98
C GLU A 43 -21.25 -4.56 12.53
N VAL A 44 -20.69 -4.21 13.69
CA VAL A 44 -20.95 -2.93 14.29
C VAL A 44 -20.56 -1.79 13.35
N CYS A 45 -19.44 -1.96 12.66
CA CYS A 45 -19.01 -0.94 11.69
C CYS A 45 -20.03 -0.72 10.58
N PHE A 46 -20.56 -1.83 10.10
CA PHE A 46 -21.58 -1.75 9.06
C PHE A 46 -22.87 -1.14 9.55
N MET A 47 -23.23 -1.46 10.79
CA MET A 47 -24.45 -0.98 11.38
C MET A 47 -24.33 0.54 11.61
N TYR A 48 -23.10 0.95 11.88
CA TYR A 48 -22.83 2.32 12.15
C TYR A 48 -22.99 3.07 10.86
N SER A 49 -22.56 2.44 9.78
CA SER A 49 -22.48 3.14 8.51
C SER A 49 -23.69 3.02 7.58
N ASP A 50 -24.19 1.81 7.35
CA ASP A 50 -25.32 1.59 6.44
C ASP A 50 -26.53 2.48 6.69
N PHE A 51 -27.13 2.89 5.56
CA PHE A 51 -28.38 3.69 5.48
C PHE A 51 -28.19 5.16 5.82
N HIS A 52 -26.93 5.54 6.02
CA HIS A 52 -26.56 6.90 6.38
C HIS A 52 -26.02 7.71 5.22
N PHE A 53 -26.70 8.81 4.94
CA PHE A 53 -26.35 9.61 3.79
C PHE A 53 -26.31 11.06 4.19
N ILE A 54 -25.78 11.84 3.27
CA ILE A 54 -25.79 13.27 3.35
C ILE A 54 -26.62 13.77 2.22
N ASP A 55 -27.57 14.60 2.61
CA ASP A 55 -28.37 15.49 1.78
C ASP A 55 -27.65 16.33 0.76
N LEU A 56 -28.43 16.81 -0.21
CA LEU A 56 -28.00 17.92 -1.01
C LEU A 56 -28.00 19.20 -0.21
N GLU A 57 -28.75 19.25 0.88
CA GLU A 57 -28.64 20.40 1.79
C GLU A 57 -27.58 20.19 2.87
N GLY A 58 -26.80 19.10 2.74
CA GLY A 58 -25.74 18.79 3.66
C GLY A 58 -26.18 18.27 5.03
N ASN A 59 -27.45 17.98 5.20
CA ASN A 59 -27.87 17.38 6.47
C ASN A 59 -27.65 15.90 6.44
N THR A 60 -27.58 15.26 7.60
CA THR A 60 -27.46 13.82 7.68
C THR A 60 -28.85 13.22 7.72
N ILE A 61 -29.03 12.07 7.07
CA ILE A 61 -30.35 11.46 6.97
C ILE A 61 -30.24 9.94 6.89
N VAL A 62 -31.20 9.24 7.49
CA VAL A 62 -31.22 7.78 7.40
C VAL A 62 -32.27 7.33 6.40
N LYS A 63 -31.86 6.43 5.50
CA LYS A 63 -32.76 5.93 4.46
C LYS A 63 -32.73 4.41 4.36
N GLU A 64 -33.90 3.80 4.30
CA GLU A 64 -34.01 2.34 4.30
C GLU A 64 -33.52 1.63 3.04
N ASN A 65 -33.47 2.33 1.90
CA ASN A 65 -33.19 1.67 0.65
C ASN A 65 -31.73 1.43 0.32
N ASP A 66 -30.87 2.39 0.67
CA ASP A 66 -29.41 2.22 0.55
C ASP A 66 -28.95 1.83 -0.86
N ASP A 67 -28.36 2.79 -1.56
CA ASP A 67 -27.97 2.58 -2.96
C ASP A 67 -27.10 3.69 -3.56
N ASP A 68 -26.90 4.77 -2.79
CA ASP A 68 -26.08 5.97 -3.12
C ASP A 68 -26.93 6.77 -4.15
N ASN A 69 -26.31 7.21 -5.25
CA ASN A 69 -27.06 7.87 -6.32
C ASN A 69 -27.22 9.37 -6.25
N ALA A 70 -26.12 10.10 -6.48
CA ALA A 70 -26.11 11.50 -7.00
C ALA A 70 -26.88 12.71 -6.37
N MET A 71 -27.90 12.42 -5.58
CA MET A 71 -28.45 13.35 -4.61
C MET A 71 -28.02 12.97 -3.19
N LEU A 72 -27.59 11.71 -3.05
CA LEU A 72 -27.19 11.17 -1.76
C LEU A 72 -25.78 10.65 -1.81
N LYS A 73 -24.93 11.22 -0.97
CA LYS A 73 -23.61 10.68 -0.75
C LYS A 73 -23.71 9.81 0.49
N HIS A 74 -22.93 8.74 0.54
CA HIS A 74 -22.82 7.97 1.77
C HIS A 74 -22.17 8.85 2.85
N ARG A 75 -22.70 8.80 4.07
CA ARG A 75 -22.16 9.61 5.13
C ARG A 75 -20.71 9.20 5.51
N PHE A 76 -20.49 7.87 5.51
CA PHE A 76 -19.20 7.31 5.92
C PHE A 76 -18.42 6.51 4.86
N GLU A 77 -17.11 6.58 4.96
CA GLU A 77 -16.22 5.71 4.22
C GLU A 77 -15.86 4.55 5.13
N ILE A 78 -16.33 3.36 4.78
CA ILE A 78 -16.04 2.16 5.58
C ILE A 78 -14.62 1.68 5.32
N ILE A 79 -13.75 1.89 6.30
CA ILE A 79 -12.35 1.57 6.12
C ILE A 79 -12.12 0.15 6.58
N GLU A 80 -12.59 -0.18 7.78
CA GLU A 80 -12.52 -1.55 8.26
C GLU A 80 -13.13 -2.53 7.26
N GLY A 81 -12.51 -3.70 7.14
CA GLY A 81 -12.96 -4.77 6.26
C GLY A 81 -12.56 -4.67 4.78
N GLN A 82 -11.85 -3.61 4.42
CA GLN A 82 -11.18 -3.51 3.12
C GLN A 82 -9.80 -4.13 3.20
N GLU A 83 -9.23 -4.41 2.03
CA GLU A 83 -7.81 -4.81 1.92
C GLU A 83 -6.91 -3.65 2.29
N ARG A 84 -5.86 -3.93 3.06
CA ARG A 84 -4.98 -2.89 3.61
C ARG A 84 -4.54 -1.95 2.49
N ASN A 85 -4.18 -2.52 1.35
CA ASN A 85 -3.87 -1.71 0.17
C ASN A 85 -4.95 -0.66 -0.14
N ILE A 86 -6.20 -1.10 -0.24
CA ILE A 86 -7.32 -0.19 -0.49
C ILE A 86 -7.58 0.76 0.68
N ALA A 87 -7.61 0.23 1.89
CA ALA A 87 -7.80 1.05 3.09
C ALA A 87 -6.85 2.25 3.11
N TRP A 88 -5.55 1.99 2.99
CA TRP A 88 -4.56 3.06 3.04
C TRP A 88 -4.72 3.95 1.84
N THR A 89 -5.08 3.40 0.70
CA THR A 89 -5.33 4.29 -0.43
C THR A 89 -6.40 5.33 -0.06
N ILE A 90 -7.48 4.84 0.54
CA ILE A 90 -8.59 5.69 0.97
C ILE A 90 -8.16 6.73 2.04
N VAL A 91 -7.53 6.25 3.10
CA VAL A 91 -7.03 7.11 4.15
C VAL A 91 -6.09 8.21 3.61
N ASN A 92 -5.08 7.79 2.82
CA ASN A 92 -4.09 8.69 2.26
C ASN A 92 -4.77 9.74 1.39
N SER A 93 -5.72 9.27 0.56
CA SER A 93 -6.42 10.14 -0.36
C SER A 93 -7.19 11.23 0.39
N ILE A 94 -7.86 10.80 1.47
CA ILE A 94 -8.65 11.71 2.29
C ILE A 94 -7.78 12.74 2.98
N CYS A 95 -6.66 12.29 3.53
CA CYS A 95 -5.72 13.19 4.18
C CYS A 95 -5.12 14.20 3.17
N ASN A 96 -5.13 13.80 1.90
CA ASN A 96 -4.66 14.63 0.81
C ASN A 96 -5.62 15.76 0.54
N MET A 97 -6.90 15.43 0.36
CA MET A 97 -7.91 16.44 0.17
C MET A 97 -8.26 17.31 1.39
N THR A 98 -7.55 17.15 2.51
CA THR A 98 -7.88 17.90 3.71
C THR A 98 -6.63 18.27 4.48
N GLU A 99 -6.82 18.63 5.73
CA GLU A 99 -5.71 19.01 6.60
C GLU A 99 -5.61 18.00 7.73
N ASN A 100 -6.36 16.91 7.60
CA ASN A 100 -6.09 15.74 8.42
C ASN A 100 -4.67 15.24 8.14
N SER A 101 -4.01 14.83 9.22
CA SER A 101 -2.69 14.26 9.10
C SER A 101 -2.87 12.75 9.07
N LYS A 102 -2.08 12.08 8.25
CA LYS A 102 -2.16 10.63 8.11
C LYS A 102 -1.98 9.91 9.46
N PRO A 103 -3.02 9.15 9.89
CA PRO A 103 -2.98 8.49 11.21
C PRO A 103 -1.99 7.34 11.27
N ARG A 104 -1.52 7.03 12.47
CA ARG A 104 -0.60 5.92 12.62
C ARG A 104 -1.33 4.62 12.35
N PHE A 105 -2.53 4.46 12.90
CA PHE A 105 -3.27 3.23 12.71
C PHE A 105 -4.43 3.46 11.79
N LEU A 106 -4.80 2.42 11.04
CA LEU A 106 -5.99 2.48 10.23
C LEU A 106 -7.20 2.58 11.11
N PRO A 107 -8.04 3.58 10.82
CA PRO A 107 -9.35 3.76 11.47
C PRO A 107 -10.44 2.83 10.92
N ASP A 108 -11.49 2.70 11.71
CA ASP A 108 -12.61 1.85 11.37
C ASP A 108 -13.42 2.64 10.30
N LEU A 109 -13.54 3.96 10.44
CA LEU A 109 -14.42 4.72 9.57
C LEU A 109 -13.95 6.13 9.28
N TYR A 110 -14.52 6.73 8.24
CA TYR A 110 -14.34 8.17 8.06
C TYR A 110 -15.67 8.89 7.82
N ASP A 111 -15.94 9.95 8.56
CA ASP A 111 -17.20 10.68 8.45
C ASP A 111 -17.04 11.94 7.58
N TYR A 112 -17.75 11.95 6.47
CA TYR A 112 -17.64 13.02 5.50
C TYR A 112 -18.28 14.33 5.99
N LYS A 113 -19.21 14.19 6.93
CA LYS A 113 -19.94 15.34 7.46
C LYS A 113 -19.12 16.11 8.49
N THR A 114 -18.42 15.39 9.35
CA THR A 114 -17.65 16.04 10.38
C THR A 114 -16.16 16.01 10.08
N ASN A 115 -15.79 15.39 8.97
CA ASN A 115 -14.39 15.18 8.66
C ASN A 115 -13.54 14.60 9.77
N LYS A 116 -14.07 13.60 10.44
CA LYS A 116 -13.31 12.93 11.46
C LYS A 116 -13.05 11.49 11.06
N PHE A 117 -11.96 10.96 11.57
CA PHE A 117 -11.72 9.53 11.51
C PHE A 117 -12.29 8.91 12.79
N ILE A 118 -12.83 7.71 12.65
CA ILE A 118 -13.55 7.06 13.74
C ILE A 118 -12.97 5.70 14.07
N GLU A 119 -12.53 5.52 15.31
CA GLU A 119 -12.21 4.20 15.78
C GLU A 119 -13.43 3.64 16.53
N ILE A 120 -13.70 2.39 16.24
CA ILE A 120 -14.74 1.69 16.91
C ILE A 120 -14.18 0.49 17.66
N GLY A 121 -14.67 0.36 18.88
CA GLY A 121 -14.32 -0.78 19.73
C GLY A 121 -15.59 -1.38 20.30
N VAL A 122 -15.59 -2.71 20.46
CA VAL A 122 -16.62 -3.45 21.17
C VAL A 122 -15.92 -4.26 22.25
N THR A 123 -16.50 -4.27 23.43
CA THR A 123 -15.83 -4.87 24.56
C THR A 123 -16.79 -5.77 25.33
N ARG A 124 -16.24 -6.75 26.04
CA ARG A 124 -17.00 -7.64 26.90
C ARG A 124 -16.79 -7.19 28.34
N ARG A 125 -15.69 -6.46 28.52
CA ARG A 125 -15.33 -5.77 29.74
C ARG A 125 -16.22 -4.54 29.97
N LYS A 126 -15.69 -3.56 30.68
CA LYS A 126 -16.50 -2.43 31.10
C LYS A 126 -16.91 -1.58 29.92
N VAL A 127 -16.18 -0.49 29.72
CA VAL A 127 -16.43 0.45 28.64
C VAL A 127 -15.49 1.60 28.93
N GLU A 128 -15.40 1.94 30.21
CA GLU A 128 -14.40 2.90 30.65
C GLU A 128 -13.00 2.37 30.42
N ASP A 129 -12.78 1.13 30.86
CA ASP A 129 -11.46 0.52 30.74
C ASP A 129 -10.97 0.50 29.29
N TYR A 130 -11.83 -0.01 28.41
CA TYR A 130 -11.52 -0.11 26.98
C TYR A 130 -11.25 1.27 26.40
N TYR A 131 -12.12 2.22 26.74
CA TYR A 131 -12.02 3.57 26.22
C TYR A 131 -10.68 4.15 26.57
N TYR A 132 -10.27 4.04 27.84
CA TYR A 132 -9.02 4.67 28.22
C TYR A 132 -7.84 3.88 27.68
N GLU A 133 -8.04 2.59 27.44
CA GLU A 133 -7.01 1.78 26.79
C GLU A 133 -6.82 2.22 25.34
N LYS A 134 -7.91 2.63 24.71
CA LYS A 134 -7.84 2.99 23.32
C LYS A 134 -7.40 4.42 23.19
N ALA A 135 -8.09 5.31 23.89
CA ALA A 135 -7.77 6.73 23.92
C ALA A 135 -6.27 6.95 24.09
N SER A 136 -5.72 6.16 25.00
CA SER A 136 -4.32 6.20 25.35
C SER A 136 -3.67 5.07 24.59
N LYS A 137 -3.26 5.40 23.37
CA LYS A 137 -2.71 4.46 22.39
C LYS A 137 -2.97 5.21 21.11
N LEU A 138 -3.84 6.21 21.27
CA LEU A 138 -4.40 6.95 20.17
C LEU A 138 -4.27 8.41 20.52
N LYS A 139 -3.39 8.68 21.47
CA LYS A 139 -3.29 10.02 21.98
C LYS A 139 -2.65 10.96 20.96
N GLY A 140 -3.17 12.18 20.94
CA GLY A 140 -2.76 13.16 19.96
C GLY A 140 -3.69 13.13 18.78
N GLU A 141 -3.47 12.14 17.91
CA GLU A 141 -4.13 12.05 16.61
C GLU A 141 -5.64 12.02 16.73
N ASN A 142 -6.23 13.19 16.95
CA ASN A 142 -7.69 13.29 17.08
C ASN A 142 -8.57 12.44 16.15
N VAL A 143 -8.75 11.20 16.57
CA VAL A 143 -9.67 10.30 15.97
C VAL A 143 -10.83 10.16 16.96
N TYR A 144 -12.05 10.33 16.48
CA TYR A 144 -13.22 10.17 17.33
C TYR A 144 -13.38 8.71 17.74
N ILE A 145 -13.60 8.47 19.04
CA ILE A 145 -13.60 7.09 19.54
C ILE A 145 -14.94 6.69 20.13
N HIS A 146 -15.50 5.62 19.59
CA HIS A 146 -16.80 5.15 20.06
C HIS A 146 -16.70 3.66 20.48
N ILE A 147 -17.00 3.43 21.75
CA ILE A 147 -16.93 2.11 22.36
C ILE A 147 -18.33 1.62 22.69
N PHE A 148 -18.59 0.37 22.33
CA PHE A 148 -19.80 -0.33 22.73
C PHE A 148 -19.44 -1.52 23.58
N SER A 149 -20.40 -1.98 24.37
CA SER A 149 -20.22 -3.22 25.13
C SER A 149 -21.39 -4.14 24.95
N PHE A 150 -21.30 -5.31 25.56
CA PHE A 150 -22.35 -6.30 25.41
C PHE A 150 -23.47 -6.11 26.47
N ASP A 151 -23.17 -5.34 27.52
CA ASP A 151 -24.18 -4.99 28.52
C ASP A 151 -24.92 -3.71 28.15
N GLY A 152 -24.86 -3.36 26.85
CA GLY A 152 -25.54 -2.19 26.31
C GLY A 152 -25.08 -0.82 26.79
N GLU A 153 -24.00 -0.74 27.55
CA GLU A 153 -23.40 0.54 27.86
C GLU A 153 -22.56 1.00 26.64
N GLU A 154 -22.10 2.25 26.67
CA GLU A 154 -21.58 2.90 25.47
C GLU A 154 -20.80 4.12 25.88
N MET A 155 -19.75 4.46 25.15
CA MET A 155 -18.92 5.58 25.56
C MET A 155 -18.13 6.18 24.40
N ALA A 156 -18.43 7.44 24.10
CA ALA A 156 -17.76 8.16 23.02
C ALA A 156 -16.85 9.28 23.53
N THR A 157 -15.97 9.72 22.67
CA THR A 157 -15.11 10.87 22.94
C THR A 157 -15.94 12.07 23.40
N ASP A 158 -15.57 12.62 24.56
CA ASP A 158 -16.22 13.80 25.13
C ASP A 158 -17.74 13.69 25.27
N ASP A 159 -18.26 12.48 25.10
CA ASP A 159 -19.68 12.18 25.25
C ASP A 159 -20.65 12.81 24.27
N GLU A 160 -20.20 13.12 23.06
CA GLU A 160 -21.15 13.47 21.99
C GLU A 160 -21.17 12.38 20.97
N TYR A 161 -22.34 12.22 20.36
CA TYR A 161 -22.64 11.08 19.52
C TYR A 161 -23.12 11.66 18.22
N ILE A 162 -22.31 11.40 17.20
CA ILE A 162 -22.54 11.95 15.88
C ILE A 162 -23.46 11.00 15.16
N LEU A 163 -23.54 9.78 15.70
CA LEU A 163 -24.50 8.81 15.22
C LEU A 163 -25.86 9.03 15.86
N ASP A 164 -26.92 8.96 15.06
CA ASP A 164 -28.29 9.11 15.56
C ASP A 164 -28.62 8.06 16.61
N GLU A 165 -29.55 8.41 17.47
CA GLU A 165 -29.85 7.57 18.59
C GLU A 165 -30.46 6.25 18.21
N GLU A 166 -31.19 6.25 17.11
CA GLU A 166 -31.84 5.04 16.70
C GLU A 166 -30.80 3.97 16.33
N SER A 167 -29.77 4.39 15.61
CA SER A 167 -28.76 3.48 15.08
C SER A 167 -27.88 2.97 16.20
N ARG A 168 -27.65 3.85 17.17
CA ARG A 168 -26.94 3.48 18.38
C ARG A 168 -27.71 2.44 19.20
N ALA A 169 -29.03 2.61 19.21
CA ALA A 169 -29.96 1.65 19.83
C ALA A 169 -29.81 0.29 19.20
N ARG A 170 -30.07 0.29 17.89
CA ARG A 170 -30.00 -0.86 17.02
C ARG A 170 -28.74 -1.69 17.29
N ILE A 171 -27.59 -1.00 17.25
CA ILE A 171 -26.32 -1.59 17.68
C ILE A 171 -26.34 -2.24 19.07
N LYS A 172 -26.74 -1.46 20.07
CA LYS A 172 -26.66 -1.93 21.45
C LYS A 172 -27.53 -3.17 21.68
N THR A 173 -28.64 -3.23 20.94
CA THR A 173 -29.49 -4.38 20.97
C THR A 173 -28.76 -5.55 20.38
N ARG A 174 -28.31 -5.41 19.15
CA ARG A 174 -27.61 -6.48 18.46
C ARG A 174 -26.58 -7.15 19.37
N LEU A 175 -25.74 -6.33 19.99
CA LEU A 175 -24.71 -6.84 20.88
C LEU A 175 -25.35 -7.62 21.99
N PHE A 176 -26.52 -7.15 22.43
CA PHE A 176 -27.26 -7.80 23.50
C PHE A 176 -27.74 -9.18 23.05
N VAL A 177 -28.47 -9.22 21.95
CA VAL A 177 -28.91 -10.48 21.35
C VAL A 177 -27.78 -11.46 21.32
N LEU A 178 -26.66 -11.02 20.74
CA LEU A 178 -25.48 -11.86 20.60
C LEU A 178 -25.04 -12.41 21.95
N ARG A 179 -25.07 -11.56 22.97
CA ARG A 179 -24.63 -11.99 24.30
C ARG A 179 -25.51 -13.10 24.83
N GLN A 180 -26.83 -12.95 24.65
CA GLN A 180 -27.76 -13.99 25.03
C GLN A 180 -27.47 -15.29 24.29
N GLU A 181 -27.48 -15.22 22.95
CA GLU A 181 -27.18 -16.38 22.12
C GLU A 181 -25.94 -17.14 22.56
N LEU A 182 -24.87 -16.39 22.87
CA LEU A 182 -23.62 -16.98 23.33
C LEU A 182 -23.80 -17.71 24.61
N ALA A 183 -24.54 -17.06 25.52
CA ALA A 183 -24.81 -17.63 26.84
C ALA A 183 -25.59 -18.95 26.71
N THR A 184 -26.70 -18.91 25.97
CA THR A 184 -27.52 -20.08 25.77
C THR A 184 -26.77 -21.18 25.03
N ALA A 185 -25.76 -20.80 24.25
CA ALA A 185 -24.91 -21.80 23.60
C ALA A 185 -23.71 -22.17 24.47
N GLY A 186 -23.65 -21.63 25.68
CA GLY A 186 -22.56 -21.90 26.60
C GLY A 186 -21.19 -21.33 26.22
N LEU A 187 -21.21 -20.33 25.37
CA LEU A 187 -19.96 -19.82 24.82
C LEU A 187 -19.62 -18.49 25.45
N TRP A 188 -20.61 -17.87 26.08
CA TRP A 188 -20.43 -16.53 26.63
C TRP A 188 -19.22 -16.39 27.58
N ASP A 189 -19.05 -17.35 28.47
CA ASP A 189 -18.03 -17.24 29.52
C ASP A 189 -16.63 -17.22 28.99
N SER A 190 -16.32 -18.26 28.22
CA SER A 190 -15.03 -18.43 27.59
C SER A 190 -14.67 -17.18 26.79
N PHE A 191 -15.67 -16.66 26.10
CA PHE A 191 -15.52 -15.50 25.25
C PHE A 191 -15.28 -14.20 26.01
N ARG A 192 -16.15 -13.92 26.98
CA ARG A 192 -15.99 -12.80 27.89
C ARG A 192 -14.59 -12.74 28.48
N GLN A 193 -14.05 -13.91 28.81
CA GLN A 193 -12.74 -13.98 29.44
C GLN A 193 -11.57 -13.83 28.49
N SER A 194 -11.70 -14.43 27.31
CA SER A 194 -10.63 -14.41 26.33
C SER A 194 -10.11 -13.02 25.93
N GLU A 195 -10.82 -11.95 26.34
CA GLU A 195 -10.45 -10.60 25.93
C GLU A 195 -9.05 -10.15 26.46
N LYS A 196 -8.31 -9.42 25.59
CA LYS A 196 -6.91 -9.00 25.82
C LYS A 196 -5.86 -10.15 25.80
N MET B 1 14.44 5.62 -4.91
CA MET B 1 13.46 5.88 -5.99
C MET B 1 13.16 4.65 -6.85
N GLU B 2 11.91 4.58 -7.33
CA GLU B 2 11.42 3.43 -8.09
C GLU B 2 12.23 2.99 -9.32
N ASN B 3 12.60 3.92 -10.20
CA ASN B 3 13.46 3.56 -11.31
C ASN B 3 14.80 2.96 -10.85
N PHE B 4 15.35 3.53 -9.78
CA PHE B 4 16.60 3.09 -9.23
C PHE B 4 16.42 1.66 -8.70
N VAL B 5 15.41 1.49 -7.85
CA VAL B 5 15.10 0.18 -7.30
C VAL B 5 14.89 -0.90 -8.38
N ARG B 6 14.05 -0.61 -9.36
CA ARG B 6 13.76 -1.54 -10.44
C ARG B 6 14.93 -1.75 -11.32
N THR B 7 15.92 -0.89 -11.22
CA THR B 7 17.15 -1.07 -11.97
C THR B 7 18.18 -1.89 -11.22
N ASN B 8 18.15 -1.79 -9.90
CA ASN B 8 19.22 -2.34 -9.08
C ASN B 8 18.90 -3.58 -8.28
N PHE B 9 17.70 -4.11 -8.43
CA PHE B 9 17.44 -5.33 -7.74
C PHE B 9 16.86 -6.29 -8.75
N ASN B 10 17.10 -7.58 -8.54
CA ASN B 10 16.59 -8.63 -9.39
C ASN B 10 15.07 -8.78 -9.26
N PRO B 11 14.45 -9.47 -10.23
CA PRO B 11 12.99 -9.57 -10.27
C PRO B 11 12.36 -10.26 -9.07
N MET B 12 13.04 -11.25 -8.51
CA MET B 12 12.50 -11.99 -7.38
C MET B 12 12.33 -11.07 -6.17
N ILE B 13 13.35 -10.27 -5.92
CA ILE B 13 13.34 -9.27 -4.88
C ILE B 13 12.25 -8.24 -5.13
N LEU B 14 12.13 -7.77 -6.37
CA LEU B 14 11.18 -6.73 -6.70
C LEU B 14 9.75 -7.20 -6.47
N GLU B 15 9.51 -8.42 -6.93
CA GLU B 15 8.24 -9.07 -6.75
C GLU B 15 7.81 -9.10 -5.28
N ARG B 16 8.67 -9.68 -4.44
CA ARG B 16 8.42 -9.70 -2.99
C ARG B 16 8.26 -8.35 -2.29
N ALA B 17 9.11 -7.39 -2.68
CA ALA B 17 9.04 -6.05 -2.10
C ALA B 17 7.70 -5.39 -2.42
N GLU B 18 7.33 -5.42 -3.70
CA GLU B 18 6.01 -4.98 -4.12
C GLU B 18 4.87 -5.66 -3.38
N LYS B 19 4.97 -6.99 -3.25
CA LYS B 19 3.95 -7.73 -2.54
C LYS B 19 3.77 -7.22 -1.13
N THR B 20 4.86 -7.19 -0.36
CA THR B 20 4.74 -6.73 1.02
C THR B 20 4.29 -5.26 1.13
N MET B 21 4.57 -4.46 0.10
CA MET B 21 4.08 -3.09 0.10
C MET B 21 2.57 -3.06 -0.15
N LYS B 22 2.07 -4.06 -0.85
CA LYS B 22 0.67 -4.14 -1.21
C LYS B 22 -0.04 -4.93 -0.14
N GLU B 23 0.71 -5.35 0.89
CA GLU B 23 0.15 -6.12 1.98
C GLU B 23 0.17 -5.22 3.20
N TYR B 24 1.06 -4.22 3.19
CA TYR B 24 1.00 -3.17 4.21
C TYR B 24 0.07 -2.10 3.66
N GLY B 25 0.10 -1.89 2.36
CA GLY B 25 -0.92 -1.06 1.72
C GLY B 25 -0.54 0.28 1.12
N GLU B 26 0.73 0.47 0.77
CA GLU B 26 1.34 1.64 0.14
C GLU B 26 1.91 1.17 -1.19
N ASN B 27 2.15 2.09 -2.13
CA ASN B 27 2.72 1.66 -3.40
C ASN B 27 3.98 2.42 -3.70
N PRO B 28 4.91 1.76 -4.39
CA PRO B 28 6.10 2.50 -4.83
C PRO B 28 5.59 3.51 -5.84
N GLN B 29 5.52 4.77 -5.45
CA GLN B 29 4.97 5.81 -6.30
C GLN B 29 4.79 6.98 -5.35
N ASN B 30 4.38 6.62 -4.14
CA ASN B 30 4.28 7.58 -3.05
C ASN B 30 5.29 7.18 -1.97
N GLU B 31 6.10 6.17 -2.27
CA GLU B 31 7.08 5.72 -1.31
C GLU B 31 8.23 5.02 -1.98
N GLY B 32 8.94 5.72 -2.85
CA GLY B 32 10.18 5.20 -3.39
C GLY B 32 11.08 4.74 -2.25
N ASN B 33 11.25 5.59 -1.26
CA ASN B 33 12.15 5.32 -0.15
C ASN B 33 11.79 4.02 0.59
N LYS B 34 10.50 3.86 0.90
CA LYS B 34 10.10 2.64 1.56
C LYS B 34 10.36 1.40 0.66
N PHE B 35 10.05 1.52 -0.62
CA PHE B 35 10.33 0.49 -1.61
C PHE B 35 11.81 0.09 -1.57
N ALA B 36 12.68 1.09 -1.54
CA ALA B 36 14.12 0.86 -1.50
C ALA B 36 14.53 0.09 -0.25
N ALA B 37 14.04 0.57 0.90
CA ALA B 37 14.32 -0.02 2.21
C ALA B 37 13.91 -1.48 2.27
N ILE B 38 12.71 -1.76 1.76
CA ILE B 38 12.20 -3.10 1.75
C ILE B 38 13.00 -4.03 0.86
N SER B 39 13.29 -3.55 -0.34
CA SER B 39 14.14 -4.27 -1.29
C SER B 39 15.48 -4.65 -0.67
N THR B 40 16.11 -3.67 -0.03
CA THR B 40 17.43 -3.85 0.51
C THR B 40 17.37 -4.90 1.59
N HIS B 41 16.45 -4.69 2.54
CA HIS B 41 16.32 -5.56 3.68
C HIS B 41 16.13 -7.01 3.20
N MET B 42 15.29 -7.12 2.17
CA MET B 42 14.94 -8.37 1.52
C MET B 42 16.14 -9.06 0.92
N GLU B 43 16.87 -8.30 0.11
CA GLU B 43 18.07 -8.82 -0.51
C GLU B 43 19.09 -9.33 0.49
N VAL B 44 19.28 -8.57 1.57
CA VAL B 44 20.18 -8.95 2.64
C VAL B 44 19.74 -10.27 3.25
N CYS B 45 18.43 -10.44 3.43
CA CYS B 45 17.91 -11.71 3.94
C CYS B 45 18.27 -12.88 3.05
N PHE B 46 18.15 -12.68 1.75
CA PHE B 46 18.52 -13.77 0.87
C PHE B 46 20.02 -14.05 0.89
N MET B 47 20.79 -12.98 0.94
CA MET B 47 22.22 -13.09 0.93
C MET B 47 22.68 -13.79 2.17
N TYR B 48 21.96 -13.55 3.27
CA TYR B 48 22.25 -14.19 4.53
C TYR B 48 21.97 -15.67 4.40
N SER B 49 20.92 -16.01 3.66
CA SER B 49 20.46 -17.40 3.70
C SER B 49 21.00 -18.29 2.59
N ASP B 50 20.99 -17.79 1.35
CA ASP B 50 21.36 -18.60 0.19
C ASP B 50 22.71 -19.28 0.32
N PHE B 51 22.78 -20.49 -0.24
CA PHE B 51 24.02 -21.29 -0.34
C PHE B 51 24.44 -21.92 0.97
N HIS B 52 23.62 -21.73 2.01
CA HIS B 52 23.92 -22.22 3.35
C HIS B 52 23.13 -23.46 3.66
N PHE B 53 23.88 -24.49 4.03
CA PHE B 53 23.30 -25.78 4.30
C PHE B 53 23.89 -26.40 5.56
N ILE B 54 23.19 -27.45 5.94
CA ILE B 54 23.62 -28.33 6.99
C ILE B 54 23.94 -29.71 6.41
N ASP B 55 25.17 -30.11 6.71
CA ASP B 55 25.71 -31.45 6.59
C ASP B 55 24.84 -32.56 7.05
N LEU B 56 25.21 -33.75 6.61
CA LEU B 56 24.78 -34.95 7.30
C LEU B 56 25.50 -35.15 8.61
N GLU B 57 26.65 -34.53 8.78
CA GLU B 57 27.31 -34.56 10.08
C GLU B 57 26.90 -33.37 10.95
N GLY B 58 25.88 -32.64 10.51
CA GLY B 58 25.35 -31.50 11.23
C GLY B 58 26.18 -30.24 11.21
N ASN B 59 27.24 -30.18 10.41
CA ASN B 59 28.04 -28.96 10.36
C ASN B 59 27.39 -28.00 9.40
N THR B 60 27.69 -26.72 9.49
CA THR B 60 27.22 -25.75 8.52
C THR B 60 28.22 -25.69 7.38
N ILE B 61 27.74 -25.42 6.17
CA ILE B 61 28.61 -25.38 5.01
C ILE B 61 28.02 -24.51 3.91
N VAL B 62 28.89 -23.84 3.16
CA VAL B 62 28.44 -23.03 2.03
C VAL B 62 28.73 -23.74 0.71
N LYS B 63 27.80 -23.64 -0.22
CA LYS B 63 27.81 -24.44 -1.42
C LYS B 63 27.28 -23.59 -2.57
N GLU B 64 28.08 -23.43 -3.63
CA GLU B 64 27.68 -22.64 -4.82
C GLU B 64 26.32 -23.00 -5.38
N ASN B 65 26.12 -24.30 -5.58
CA ASN B 65 25.07 -24.78 -6.47
C ASN B 65 23.63 -24.55 -6.02
N ASP B 66 23.36 -24.70 -4.73
CA ASP B 66 22.05 -24.36 -4.16
C ASP B 66 20.87 -25.09 -4.83
N ASP B 67 20.34 -26.10 -4.14
CA ASP B 67 19.29 -26.94 -4.69
C ASP B 67 18.70 -27.98 -3.72
N ASP B 68 19.15 -27.92 -2.45
CA ASP B 68 18.67 -28.72 -1.30
C ASP B 68 19.17 -30.17 -1.55
N ASN B 69 18.23 -31.13 -1.53
CA ASN B 69 18.60 -32.51 -1.86
C ASN B 69 19.15 -33.42 -0.76
N ALA B 70 18.29 -33.79 0.18
CA ALA B 70 18.43 -35.03 0.98
C ALA B 70 19.69 -35.41 1.78
N MET B 71 20.84 -34.89 1.37
CA MET B 71 22.06 -34.89 2.18
C MET B 71 22.28 -33.49 2.72
N LEU B 72 21.63 -32.52 2.07
CA LEU B 72 21.77 -31.13 2.44
C LEU B 72 20.43 -30.52 2.79
N LYS B 73 20.31 -30.09 4.03
CA LYS B 73 19.16 -29.30 4.46
C LYS B 73 19.58 -27.83 4.33
N HIS B 74 18.61 -26.97 4.04
CA HIS B 74 18.87 -25.53 4.04
C HIS B 74 19.07 -25.09 5.48
N ARG B 75 20.16 -24.39 5.75
CA ARG B 75 20.43 -23.92 7.10
C ARG B 75 19.29 -23.07 7.68
N PHE B 76 18.70 -22.19 6.85
CA PHE B 76 17.69 -21.23 7.30
C PHE B 76 16.32 -21.37 6.65
N GLU B 77 15.29 -21.08 7.44
CA GLU B 77 13.97 -20.83 6.90
C GLU B 77 13.84 -19.37 6.66
N ILE B 78 13.63 -19.01 5.40
CA ILE B 78 13.46 -17.61 5.06
C ILE B 78 12.03 -17.23 5.30
N ILE B 79 11.80 -16.44 6.35
CA ILE B 79 10.47 -16.03 6.74
C ILE B 79 10.10 -14.75 6.01
N GLU B 80 11.00 -13.77 6.05
CA GLU B 80 10.81 -12.55 5.28
C GLU B 80 10.42 -12.83 3.82
N GLY B 81 9.50 -12.03 3.29
CA GLY B 81 9.15 -12.16 1.89
C GLY B 81 8.14 -13.24 1.53
N GLN B 82 7.66 -14.00 2.51
CA GLN B 82 6.50 -14.87 2.32
C GLN B 82 5.23 -14.10 2.61
N GLU B 83 4.10 -14.66 2.18
CA GLU B 83 2.78 -14.15 2.59
C GLU B 83 2.52 -14.43 4.05
N ARG B 84 1.96 -13.45 4.74
CA ARG B 84 1.82 -13.49 6.20
C ARG B 84 1.18 -14.79 6.68
N ASN B 85 0.15 -15.22 5.96
CA ASN B 85 -0.43 -16.54 6.18
C ASN B 85 0.64 -17.63 6.21
N ILE B 86 1.47 -17.71 5.19
CA ILE B 86 2.51 -18.72 5.16
C ILE B 86 3.62 -18.50 6.22
N ALA B 87 4.04 -17.27 6.39
CA ALA B 87 5.03 -16.94 7.40
C ALA B 87 4.61 -17.45 8.79
N TRP B 88 3.42 -17.05 9.22
CA TRP B 88 2.94 -17.48 10.51
C TRP B 88 2.77 -18.96 10.57
N THR B 89 2.26 -19.61 9.52
CA THR B 89 2.25 -21.07 9.52
C THR B 89 3.64 -21.67 9.85
N ILE B 90 4.68 -21.11 9.23
CA ILE B 90 6.04 -21.57 9.44
C ILE B 90 6.50 -21.34 10.89
N VAL B 91 6.40 -20.11 11.32
CA VAL B 91 6.73 -19.74 12.69
C VAL B 91 6.03 -20.61 13.73
N ASN B 92 4.72 -20.76 13.59
CA ASN B 92 3.89 -21.54 14.50
C ASN B 92 4.37 -22.98 14.52
N SER B 93 4.54 -23.55 13.34
CA SER B 93 4.94 -24.93 13.24
C SER B 93 6.31 -25.21 13.87
N ILE B 94 7.24 -24.27 13.68
CA ILE B 94 8.54 -24.33 14.32
C ILE B 94 8.43 -24.27 15.84
N CYS B 95 7.65 -23.32 16.33
CA CYS B 95 7.44 -23.20 17.77
C CYS B 95 6.76 -24.45 18.37
N ASN B 96 6.03 -25.16 17.52
CA ASN B 96 5.40 -26.41 17.89
C ASN B 96 6.35 -27.54 18.09
N MET B 97 7.23 -27.74 17.11
CA MET B 97 8.26 -28.75 17.25
C MET B 97 9.38 -28.38 18.22
N THR B 98 9.28 -27.25 18.91
CA THR B 98 10.34 -26.87 19.85
C THR B 98 9.79 -26.27 21.13
N GLU B 99 10.66 -25.63 21.89
CA GLU B 99 10.28 -25.00 23.14
C GLU B 99 10.42 -23.48 22.97
N ASN B 100 10.64 -23.08 21.73
CA ASN B 100 10.54 -21.67 21.37
C ASN B 100 9.08 -21.27 21.60
N SER B 101 8.92 -20.09 22.17
CA SER B 101 7.62 -19.52 22.38
C SER B 101 7.33 -18.66 21.17
N LYS B 102 6.08 -18.68 20.70
CA LYS B 102 5.66 -17.88 19.56
C LYS B 102 5.97 -16.39 19.76
N PRO B 103 6.81 -15.81 18.88
CA PRO B 103 7.19 -14.40 18.99
C PRO B 103 6.05 -13.43 18.70
N ARG B 104 6.19 -12.22 19.22
CA ARG B 104 5.20 -11.19 18.97
C ARG B 104 5.27 -10.73 17.52
N PHE B 105 6.49 -10.50 17.03
CA PHE B 105 6.65 -10.07 15.64
C PHE B 105 7.25 -11.15 14.77
N LEU B 106 6.92 -11.08 13.48
CA LEU B 106 7.49 -12.00 12.51
C LEU B 106 8.97 -11.74 12.33
N PRO B 107 9.79 -12.79 12.53
CA PRO B 107 11.22 -12.67 12.29
C PRO B 107 11.60 -12.75 10.80
N ASP B 108 12.81 -12.34 10.52
CA ASP B 108 13.29 -12.27 9.17
C ASP B 108 13.69 -13.74 8.84
N LEU B 109 14.29 -14.46 9.79
CA LEU B 109 14.77 -15.83 9.50
C LEU B 109 14.65 -16.83 10.65
N TYR B 110 14.81 -18.09 10.33
CA TYR B 110 14.97 -19.11 11.37
C TYR B 110 16.18 -19.99 11.09
N ASP B 111 17.08 -20.13 12.07
CA ASP B 111 18.27 -20.97 11.95
C ASP B 111 18.05 -22.37 12.53
N TYR B 112 18.10 -23.36 11.66
CA TYR B 112 17.87 -24.74 12.07
C TYR B 112 19.02 -25.30 12.89
N LYS B 113 20.20 -24.74 12.71
CA LYS B 113 21.39 -25.22 13.40
C LYS B 113 21.35 -24.78 14.86
N THR B 114 21.07 -23.50 15.07
CA THR B 114 21.14 -22.92 16.39
C THR B 114 19.78 -22.78 17.04
N ASN B 115 18.73 -23.15 16.31
CA ASN B 115 17.35 -22.97 16.77
C ASN B 115 17.01 -21.61 17.30
N LYS B 116 17.46 -20.58 16.58
CA LYS B 116 17.17 -19.21 16.95
C LYS B 116 16.35 -18.53 15.85
N PHE B 117 15.53 -17.56 16.25
CA PHE B 117 14.87 -16.71 15.28
C PHE B 117 15.79 -15.52 15.09
N ILE B 118 15.85 -15.02 13.87
CA ILE B 118 16.76 -13.94 13.54
C ILE B 118 16.03 -12.75 12.98
N GLU B 119 16.25 -11.60 13.60
CA GLU B 119 15.76 -10.36 13.03
C GLU B 119 16.93 -9.72 12.34
N ILE B 120 16.66 -9.25 11.14
CA ILE B 120 17.65 -8.49 10.39
C ILE B 120 17.16 -7.06 10.17
N GLY B 121 18.12 -6.15 10.33
CA GLY B 121 17.93 -4.75 10.10
C GLY B 121 19.07 -4.20 9.27
N VAL B 122 18.72 -3.33 8.31
CA VAL B 122 19.70 -2.52 7.57
C VAL B 122 19.42 -1.06 7.83
N THR B 123 20.49 -0.27 7.99
CA THR B 123 20.33 1.12 8.43
C THR B 123 21.22 2.06 7.66
N ARG B 124 20.78 3.30 7.56
CA ARG B 124 21.57 4.33 6.90
C ARG B 124 22.21 5.18 7.98
N ARG B 125 21.57 5.13 9.15
CA ARG B 125 22.08 5.69 10.39
C ARG B 125 23.29 4.90 10.91
N LYS B 126 23.40 4.86 12.23
CA LYS B 126 24.52 4.19 12.88
C LYS B 126 24.03 2.90 13.49
N VAL B 127 24.81 1.83 13.32
CA VAL B 127 24.40 0.53 13.83
C VAL B 127 23.97 0.51 15.30
N GLU B 128 24.65 1.27 16.16
CA GLU B 128 24.31 1.22 17.58
C GLU B 128 22.90 1.70 17.87
N ASP B 129 22.54 2.85 17.29
CA ASP B 129 21.21 3.43 17.46
C ASP B 129 20.14 2.45 17.04
N TYR B 130 20.28 1.92 15.82
CA TYR B 130 19.31 0.96 15.28
C TYR B 130 19.24 -0.29 16.14
N TYR B 131 20.41 -0.77 16.55
CA TYR B 131 20.50 -1.97 17.37
C TYR B 131 19.72 -1.78 18.65
N TYR B 132 19.96 -0.68 19.35
CA TYR B 132 19.25 -0.50 20.62
C TYR B 132 17.78 -0.14 20.42
N GLU B 133 17.45 0.43 19.27
CA GLU B 133 16.07 0.62 18.91
C GLU B 133 15.35 -0.72 18.70
N LYS B 134 16.03 -1.67 18.11
CA LYS B 134 15.41 -2.95 17.81
C LYS B 134 15.41 -3.83 19.03
N ALA B 135 16.57 -3.95 19.66
CA ALA B 135 16.77 -4.75 20.86
C ALA B 135 15.70 -4.42 21.86
N SER B 136 15.45 -3.13 21.98
CA SER B 136 14.46 -2.59 22.88
C SER B 136 13.21 -2.36 22.06
N LYS B 137 12.37 -3.39 21.98
CA LYS B 137 11.19 -3.43 21.14
C LYS B 137 11.02 -4.91 20.99
N LEU B 138 12.12 -5.58 21.31
CA LEU B 138 12.25 -7.00 21.06
C LEU B 138 12.72 -7.61 22.35
N LYS B 139 12.56 -6.86 23.43
CA LYS B 139 13.11 -7.29 24.70
C LYS B 139 12.37 -8.50 25.23
N GLY B 140 13.14 -9.39 25.85
CA GLY B 140 12.63 -10.65 26.33
C GLY B 140 12.81 -11.72 25.28
N GLU B 141 11.98 -11.67 24.25
CA GLU B 141 11.79 -12.83 23.39
C GLU B 141 12.97 -13.25 22.55
N ASN B 142 14.04 -13.68 23.22
CA ASN B 142 15.33 -13.97 22.61
C ASN B 142 15.32 -14.34 21.13
N VAL B 143 15.26 -13.30 20.33
CA VAL B 143 15.52 -13.39 18.92
C VAL B 143 16.92 -12.81 18.67
N TYR B 144 17.80 -13.56 18.00
CA TYR B 144 19.12 -13.05 17.61
C TYR B 144 19.01 -11.86 16.66
N ILE B 145 19.72 -10.78 16.95
CA ILE B 145 19.61 -9.58 16.15
C ILE B 145 20.88 -9.26 15.39
N HIS B 146 20.75 -9.04 14.09
CA HIS B 146 21.92 -8.70 13.30
C HIS B 146 21.63 -7.49 12.43
N ILE B 147 22.39 -6.43 12.66
CA ILE B 147 22.20 -5.16 11.99
C ILE B 147 23.37 -4.91 11.06
N PHE B 148 23.05 -4.46 9.84
CA PHE B 148 24.07 -3.95 8.92
C PHE B 148 23.78 -2.50 8.60
N SER B 149 24.80 -1.83 8.08
CA SER B 149 24.65 -0.44 7.67
C SER B 149 25.31 -0.26 6.32
N PHE B 150 25.13 0.95 5.78
CA PHE B 150 25.65 1.24 4.45
C PHE B 150 27.12 1.70 4.47
N ASP B 151 27.59 2.06 5.67
CA ASP B 151 29.01 2.38 5.85
C ASP B 151 29.79 1.15 6.25
N GLY B 152 29.22 -0.02 6.02
CA GLY B 152 29.95 -1.26 6.19
C GLY B 152 30.06 -1.73 7.62
N GLU B 153 29.67 -0.92 8.58
CA GLU B 153 29.71 -1.36 9.96
C GLU B 153 28.57 -2.39 10.22
N GLU B 154 28.64 -3.09 11.34
CA GLU B 154 27.78 -4.24 11.55
C GLU B 154 27.68 -4.50 13.04
N MET B 155 26.53 -4.97 13.50
CA MET B 155 26.38 -5.22 14.92
C MET B 155 25.37 -6.32 15.26
N ALA B 156 25.84 -7.38 15.92
CA ALA B 156 24.98 -8.49 16.29
C ALA B 156 24.81 -8.61 17.80
N THR B 157 23.78 -9.35 18.20
CA THR B 157 23.57 -9.68 19.59
C THR B 157 24.84 -10.25 20.23
N ASP B 158 25.23 -9.65 21.36
CA ASP B 158 26.40 -10.09 22.15
C ASP B 158 27.67 -10.26 21.33
N ASP B 159 27.68 -9.71 20.12
CA ASP B 159 28.84 -9.74 19.24
C ASP B 159 29.36 -11.10 18.76
N GLU B 160 28.48 -12.11 18.68
CA GLU B 160 28.79 -13.38 18.04
C GLU B 160 28.16 -13.34 16.65
N TYR B 161 28.71 -14.10 15.72
CA TYR B 161 28.27 -14.05 14.35
C TYR B 161 28.12 -15.47 13.89
N ILE B 162 26.89 -15.87 13.64
CA ILE B 162 26.61 -17.27 13.41
C ILE B 162 26.73 -17.42 11.91
N LEU B 163 26.74 -16.28 11.23
CA LEU B 163 27.00 -16.26 9.79
C LEU B 163 28.52 -16.21 9.52
N ASP B 164 28.97 -16.95 8.50
CA ASP B 164 30.38 -17.02 8.16
C ASP B 164 30.84 -15.68 7.70
N GLU B 165 32.13 -15.47 7.83
CA GLU B 165 32.67 -14.15 7.56
C GLU B 165 32.60 -13.71 6.12
N GLU B 166 32.66 -14.69 5.22
CA GLU B 166 32.61 -14.40 3.82
C GLU B 166 31.26 -13.83 3.44
N SER B 167 30.20 -14.43 3.96
CA SER B 167 28.86 -14.02 3.59
C SER B 167 28.56 -12.66 4.14
N ARG B 168 29.04 -12.42 5.36
CA ARG B 168 28.89 -11.13 6.01
C ARG B 168 29.60 -10.04 5.22
N ALA B 169 30.76 -10.42 4.67
CA ALA B 169 31.54 -9.57 3.78
C ALA B 169 30.68 -9.15 2.61
N ARG B 170 30.36 -10.18 1.82
CA ARG B 170 29.58 -10.10 0.61
C ARG B 170 28.42 -9.11 0.81
N ILE B 171 27.68 -9.31 1.91
CA ILE B 171 26.62 -8.38 2.29
C ILE B 171 27.15 -6.95 2.41
N LYS B 172 28.14 -6.74 3.27
CA LYS B 172 28.61 -5.37 3.57
C LYS B 172 29.06 -4.62 2.30
N THR B 173 29.62 -5.38 1.36
CA THR B 173 29.96 -4.88 0.07
C THR B 173 28.73 -4.40 -0.64
N ARG B 174 27.82 -5.34 -0.89
CA ARG B 174 26.60 -5.01 -1.61
C ARG B 174 25.95 -3.72 -1.11
N LEU B 175 25.82 -3.61 0.20
CA LEU B 175 25.24 -2.39 0.77
C LEU B 175 26.11 -1.21 0.36
N PHE B 176 27.41 -1.47 0.30
CA PHE B 176 28.30 -0.38 -0.08
C PHE B 176 28.10 0.03 -1.55
N VAL B 177 28.26 -0.90 -2.48
CA VAL B 177 27.86 -0.71 -3.88
C VAL B 177 26.59 0.12 -3.99
N LEU B 178 25.51 -0.35 -3.36
CA LEU B 178 24.24 0.37 -3.39
C LEU B 178 24.39 1.81 -2.96
N ARG B 179 25.12 2.05 -1.88
CA ARG B 179 25.29 3.42 -1.40
C ARG B 179 25.97 4.31 -2.43
N GLN B 180 27.00 3.78 -3.08
CA GLN B 180 27.64 4.50 -4.18
C GLN B 180 26.61 4.82 -5.24
N GLU B 181 26.11 3.79 -5.90
CA GLU B 181 25.06 3.93 -6.91
C GLU B 181 24.00 5.00 -6.61
N LEU B 182 23.52 5.02 -5.37
CA LEU B 182 22.52 5.99 -4.94
C LEU B 182 23.08 7.37 -4.97
N ALA B 183 24.34 7.46 -4.55
CA ALA B 183 24.99 8.76 -4.45
C ALA B 183 25.17 9.32 -5.85
N THR B 184 25.84 8.55 -6.72
CA THR B 184 26.02 8.90 -8.13
C THR B 184 24.71 9.15 -8.88
N ALA B 185 23.60 8.62 -8.39
CA ALA B 185 22.31 8.95 -8.98
C ALA B 185 21.66 10.10 -8.23
N GLY B 186 22.39 10.65 -7.25
CA GLY B 186 21.86 11.73 -6.44
C GLY B 186 20.69 11.38 -5.53
N LEU B 187 20.55 10.11 -5.19
CA LEU B 187 19.39 9.70 -4.41
C LEU B 187 19.80 9.42 -2.98
N TRP B 188 21.10 9.24 -2.79
CA TRP B 188 21.62 8.89 -1.48
C TRP B 188 21.11 9.79 -0.36
N ASP B 189 21.10 11.10 -0.57
CA ASP B 189 20.80 12.04 0.52
C ASP B 189 19.38 11.97 1.02
N SER B 190 18.46 12.11 0.10
CA SER B 190 17.04 12.04 0.41
C SER B 190 16.73 10.74 1.14
N PHE B 191 17.40 9.66 0.69
CA PHE B 191 17.20 8.32 1.21
C PHE B 191 17.72 8.16 2.65
N ARG B 192 19.01 8.48 2.81
CA ARG B 192 19.67 8.47 4.10
C ARG B 192 18.84 9.21 5.13
N GLN B 193 18.21 10.30 4.70
CA GLN B 193 17.39 11.10 5.62
C GLN B 193 16.01 10.54 5.92
N SER B 194 15.38 9.98 4.89
CA SER B 194 14.01 9.48 5.03
C SER B 194 13.78 8.45 6.16
N GLU B 195 14.86 7.91 6.74
CA GLU B 195 14.74 6.85 7.74
C GLU B 195 13.97 7.26 9.01
N LYS B 196 13.15 6.33 9.52
CA LYS B 196 12.25 6.54 10.67
C LYS B 196 11.05 7.46 10.38
N MET C 1 7.91 -2.00 -31.30
CA MET C 1 8.29 -3.41 -31.08
C MET C 1 8.87 -3.65 -29.69
N GLU C 2 8.68 -4.88 -29.20
CA GLU C 2 9.07 -5.23 -27.86
C GLU C 2 10.52 -4.99 -27.46
N ASN C 3 11.47 -5.40 -28.30
CA ASN C 3 12.87 -5.15 -28.00
C ASN C 3 13.18 -3.65 -27.94
N PHE C 4 12.44 -2.86 -28.73
CA PHE C 4 12.64 -1.44 -28.81
C PHE C 4 12.13 -0.82 -27.52
N VAL C 5 10.86 -1.13 -27.22
CA VAL C 5 10.23 -0.68 -25.99
C VAL C 5 11.07 -1.00 -24.74
N ARG C 6 11.52 -2.24 -24.62
CA ARG C 6 12.22 -2.69 -23.41
C ARG C 6 13.59 -2.04 -23.37
N THR C 7 14.01 -1.51 -24.51
CA THR C 7 15.28 -0.82 -24.58
C THR C 7 15.14 0.66 -24.25
N ASN C 8 13.98 1.23 -24.58
CA ASN C 8 13.84 2.68 -24.53
C ASN C 8 13.00 3.25 -23.43
N PHE C 9 12.46 2.39 -22.57
CA PHE C 9 11.75 2.88 -21.41
C PHE C 9 12.32 2.25 -20.16
N ASN C 10 12.27 3.01 -19.09
CA ASN C 10 12.71 2.56 -17.77
C ASN C 10 11.80 1.45 -17.20
N PRO C 11 12.33 0.70 -16.24
CA PRO C 11 11.61 -0.47 -15.73
C PRO C 11 10.27 -0.17 -15.09
N MET C 12 10.06 1.02 -14.52
CA MET C 12 8.77 1.23 -13.89
C MET C 12 7.68 1.44 -14.94
N ILE C 13 8.05 2.17 -15.98
CA ILE C 13 7.14 2.31 -17.11
C ILE C 13 6.83 0.96 -17.75
N LEU C 14 7.86 0.15 -17.95
CA LEU C 14 7.66 -1.17 -18.50
C LEU C 14 6.71 -2.02 -17.65
N GLU C 15 6.94 -1.96 -16.34
CA GLU C 15 6.16 -2.70 -15.39
C GLU C 15 4.69 -2.35 -15.53
N ARG C 16 4.41 -1.06 -15.45
CA ARG C 16 3.05 -0.57 -15.59
C ARG C 16 2.38 -0.84 -16.94
N ALA C 17 3.14 -0.70 -18.00
CA ALA C 17 2.61 -0.95 -19.34
C ALA C 17 2.20 -2.42 -19.49
N GLU C 18 3.09 -3.30 -19.04
CA GLU C 18 2.83 -4.73 -19.02
C GLU C 18 1.60 -5.06 -18.19
N LYS C 19 1.52 -4.48 -17.00
CA LYS C 19 0.37 -4.66 -16.14
C LYS C 19 -0.94 -4.32 -16.86
N THR C 20 -1.01 -3.12 -17.44
CA THR C 20 -2.28 -2.73 -18.03
C THR C 20 -2.59 -3.58 -19.28
N MET C 21 -1.56 -4.13 -19.92
CA MET C 21 -1.82 -5.01 -21.06
C MET C 21 -2.38 -6.36 -20.61
N LYS C 22 -1.97 -6.74 -19.41
CA LYS C 22 -2.38 -8.00 -18.83
C LYS C 22 -3.69 -7.84 -18.06
N GLU C 23 -4.43 -6.81 -18.32
CA GLU C 23 -5.61 -6.60 -17.54
C GLU C 23 -6.62 -6.54 -18.65
N TYR C 24 -6.07 -6.48 -19.85
CA TYR C 24 -6.79 -6.45 -21.10
C TYR C 24 -6.39 -7.74 -21.79
N GLY C 25 -5.66 -8.56 -21.05
CA GLY C 25 -5.15 -9.82 -21.54
C GLY C 25 -4.17 -9.82 -22.69
N GLU C 26 -4.09 -8.77 -23.53
CA GLU C 26 -3.16 -8.77 -24.66
C GLU C 26 -1.74 -8.79 -24.12
N ASN C 27 -0.81 -9.37 -24.87
CA ASN C 27 0.56 -9.37 -24.41
C ASN C 27 1.50 -8.77 -25.46
N PRO C 28 2.57 -8.13 -24.99
CA PRO C 28 3.66 -7.74 -25.89
C PRO C 28 3.91 -8.93 -26.79
N GLN C 29 4.60 -8.76 -27.90
CA GLN C 29 4.71 -9.86 -28.84
C GLN C 29 3.29 -10.26 -29.17
N ASN C 30 2.79 -9.80 -30.30
CA ASN C 30 1.39 -9.93 -30.65
C ASN C 30 0.68 -8.59 -30.58
N GLU C 31 1.32 -7.67 -29.88
CA GLU C 31 1.01 -6.23 -29.90
C GLU C 31 2.18 -5.38 -29.46
N GLY C 32 3.29 -5.45 -30.18
CA GLY C 32 4.37 -4.54 -29.93
C GLY C 32 3.89 -3.11 -30.02
N ASN C 33 3.09 -2.80 -31.06
CA ASN C 33 2.60 -1.44 -31.25
C ASN C 33 1.74 -0.94 -30.07
N LYS C 34 0.86 -1.80 -29.55
CA LYS C 34 0.05 -1.42 -28.39
C LYS C 34 0.93 -1.19 -27.14
N PHE C 35 1.91 -2.07 -26.96
CA PHE C 35 2.90 -1.96 -25.91
C PHE C 35 3.64 -0.62 -25.95
N ALA C 36 4.05 -0.23 -27.16
CA ALA C 36 4.73 1.02 -27.38
C ALA C 36 3.86 2.24 -27.06
N ALA C 37 2.64 2.24 -27.59
CA ALA C 37 1.67 3.31 -27.34
C ALA C 37 1.40 3.53 -25.86
N ILE C 38 1.26 2.41 -25.16
CA ILE C 38 0.93 2.46 -23.74
C ILE C 38 2.11 2.97 -22.93
N SER C 39 3.30 2.44 -23.26
CA SER C 39 4.55 2.93 -22.67
C SER C 39 4.73 4.44 -22.82
N THR C 40 4.46 4.92 -24.02
CA THR C 40 4.66 6.32 -24.33
C THR C 40 3.70 7.15 -23.55
N HIS C 41 2.43 6.75 -23.62
CA HIS C 41 1.36 7.50 -23.00
C HIS C 41 1.64 7.65 -21.49
N MET C 42 2.08 6.52 -20.92
CA MET C 42 2.45 6.39 -19.52
C MET C 42 3.59 7.31 -19.13
N GLU C 43 4.68 7.26 -19.93
CA GLU C 43 5.82 8.09 -19.65
C GLU C 43 5.48 9.57 -19.68
N VAL C 44 4.65 9.92 -20.65
CA VAL C 44 4.16 11.29 -20.74
C VAL C 44 3.40 11.73 -19.52
N CYS C 45 2.57 10.84 -18.99
CA CYS C 45 1.85 11.10 -17.73
C CYS C 45 2.81 11.41 -16.57
N PHE C 46 3.86 10.59 -16.48
CA PHE C 46 4.84 10.78 -15.43
C PHE C 46 5.62 12.07 -15.59
N MET C 47 5.93 12.39 -16.83
CA MET C 47 6.67 13.59 -17.15
C MET C 47 5.83 14.82 -16.81
N TYR C 48 4.53 14.65 -17.00
CA TYR C 48 3.58 15.70 -16.76
C TYR C 48 3.53 15.98 -15.28
N SER C 49 3.62 14.90 -14.51
CA SER C 49 3.36 15.00 -13.09
C SER C 49 4.58 15.18 -12.20
N ASP C 50 5.62 14.39 -12.41
CA ASP C 50 6.82 14.42 -11.57
C ASP C 50 7.39 15.82 -11.38
N PHE C 51 7.87 16.05 -10.15
CA PHE C 51 8.61 17.26 -9.74
C PHE C 51 7.69 18.44 -9.56
N HIS C 52 6.39 18.21 -9.70
CA HIS C 52 5.39 19.26 -9.56
C HIS C 52 4.73 19.22 -8.19
N PHE C 53 4.82 20.35 -7.50
CA PHE C 53 4.26 20.43 -6.17
C PHE C 53 3.45 21.68 -6.03
N ILE C 54 2.67 21.72 -4.96
CA ILE C 54 2.05 22.94 -4.48
C ILE C 54 2.68 23.37 -3.17
N ASP C 55 3.06 24.64 -3.17
CA ASP C 55 3.44 25.47 -2.03
C ASP C 55 2.58 25.39 -0.82
N LEU C 56 3.13 25.86 0.28
CA LEU C 56 2.29 26.24 1.40
C LEU C 56 1.52 27.53 1.11
N GLU C 57 1.99 28.32 0.14
CA GLU C 57 1.28 29.54 -0.27
C GLU C 57 0.32 29.24 -1.42
N GLY C 58 0.16 27.95 -1.73
CA GLY C 58 -0.76 27.49 -2.76
C GLY C 58 -0.25 27.68 -4.18
N ASN C 59 0.99 28.13 -4.38
CA ASN C 59 1.50 28.31 -5.74
C ASN C 59 1.99 27.00 -6.28
N THR C 60 2.18 26.88 -7.59
CA THR C 60 2.69 25.65 -8.17
C THR C 60 4.15 25.75 -8.61
N ILE C 61 5.06 25.16 -7.84
CA ILE C 61 6.48 25.10 -8.26
C ILE C 61 7.02 23.73 -8.75
N VAL C 62 8.18 23.77 -9.43
CA VAL C 62 8.88 22.57 -9.86
C VAL C 62 10.15 22.39 -9.05
N LYS C 63 10.42 21.15 -8.67
CA LYS C 63 11.46 20.85 -7.70
C LYS C 63 12.19 19.57 -8.10
N GLU C 64 13.51 19.68 -8.30
CA GLU C 64 14.34 18.55 -8.72
C GLU C 64 14.11 17.30 -7.90
N ASN C 65 14.16 17.49 -6.59
CA ASN C 65 14.39 16.39 -5.68
C ASN C 65 13.27 15.37 -5.55
N ASP C 66 12.01 15.83 -5.57
CA ASP C 66 10.85 14.93 -5.59
C ASP C 66 10.81 13.91 -4.45
N ASP C 67 9.93 14.14 -3.49
CA ASP C 67 9.88 13.31 -2.29
C ASP C 67 8.70 13.62 -1.34
N ASP C 68 7.87 14.60 -1.75
CA ASP C 68 6.65 15.03 -1.03
C ASP C 68 7.13 15.78 0.25
N ASN C 69 6.57 15.40 1.42
CA ASN C 69 7.03 15.95 2.71
C ASN C 69 6.43 17.28 3.17
N ALA C 70 5.17 17.26 3.58
CA ALA C 70 4.59 18.20 4.57
C ALA C 70 4.61 19.74 4.46
N MET C 71 5.50 20.27 3.63
CA MET C 71 5.42 21.64 3.10
C MET C 71 5.06 21.62 1.61
N LEU C 72 5.22 20.45 1.02
CA LEU C 72 4.98 20.23 -0.39
C LEU C 72 4.02 19.09 -0.62
N LYS C 73 2.92 19.40 -1.27
CA LYS C 73 1.96 18.40 -1.72
C LYS C 73 2.27 18.19 -3.20
N HIS C 74 2.15 16.94 -3.67
CA HIS C 74 2.23 16.67 -5.11
C HIS C 74 1.09 17.40 -5.80
N ARG C 75 1.39 18.05 -6.91
CA ARG C 75 0.39 18.82 -7.60
C ARG C 75 -0.69 17.89 -8.19
N PHE C 76 -0.25 16.71 -8.67
CA PHE C 76 -1.16 15.80 -9.39
C PHE C 76 -1.32 14.42 -8.79
N GLU C 77 -2.51 13.88 -8.95
CA GLU C 77 -2.71 12.48 -8.62
C GLU C 77 -2.52 11.76 -9.93
N ILE C 78 -1.61 10.80 -9.93
CA ILE C 78 -1.39 10.02 -11.14
C ILE C 78 -2.34 8.86 -11.16
N ILE C 79 -3.32 8.93 -12.04
CA ILE C 79 -4.36 7.90 -12.05
C ILE C 79 -3.98 6.80 -13.02
N GLU C 80 -3.54 7.20 -14.21
CA GLU C 80 -2.93 6.26 -15.13
C GLU C 80 -1.82 5.37 -14.51
N GLY C 81 -1.82 4.10 -14.92
CA GLY C 81 -0.86 3.13 -14.44
C GLY C 81 -1.14 2.46 -13.10
N GLN C 82 -2.21 2.88 -12.42
CA GLN C 82 -2.63 2.23 -11.20
C GLN C 82 -3.56 1.04 -11.53
N GLU C 83 -3.76 0.16 -10.57
CA GLU C 83 -4.72 -0.91 -10.72
C GLU C 83 -6.12 -0.31 -10.71
N ARG C 84 -7.02 -0.84 -11.53
CA ARG C 84 -8.34 -0.23 -11.73
C ARG C 84 -9.06 -0.04 -10.41
N ASN C 85 -9.10 -1.12 -9.66
CA ASN C 85 -9.28 -1.11 -8.24
C ASN C 85 -8.94 0.21 -7.57
N ILE C 86 -7.64 0.48 -7.47
CA ILE C 86 -7.09 1.67 -6.83
C ILE C 86 -7.43 2.98 -7.57
N ALA C 87 -7.38 2.95 -8.89
CA ALA C 87 -7.75 4.11 -9.68
C ALA C 87 -9.16 4.62 -9.34
N TRP C 88 -10.13 3.74 -9.45
CA TRP C 88 -11.49 4.12 -9.10
C TRP C 88 -11.67 4.52 -7.63
N THR C 89 -10.99 3.85 -6.71
CA THR C 89 -10.97 4.34 -5.33
C THR C 89 -10.59 5.83 -5.24
N ILE C 90 -9.51 6.20 -5.95
CA ILE C 90 -8.98 7.55 -5.97
C ILE C 90 -9.97 8.52 -6.58
N VAL C 91 -10.44 8.18 -7.76
CA VAL C 91 -11.39 9.01 -8.49
C VAL C 91 -12.66 9.26 -7.64
N ASN C 92 -13.23 8.17 -7.12
CA ASN C 92 -14.44 8.21 -6.32
C ASN C 92 -14.22 9.08 -5.09
N SER C 93 -13.08 8.88 -4.45
CA SER C 93 -12.78 9.58 -3.23
C SER C 93 -12.65 11.10 -3.49
N ILE C 94 -12.01 11.46 -4.60
CA ILE C 94 -11.90 12.85 -5.01
C ILE C 94 -13.24 13.49 -5.29
N CYS C 95 -14.05 12.81 -6.10
CA CYS C 95 -15.41 13.27 -6.40
C CYS C 95 -16.26 13.46 -5.12
N ASN C 96 -15.95 12.66 -4.10
CA ASN C 96 -16.59 12.75 -2.80
C ASN C 96 -16.28 14.02 -2.06
N MET C 97 -15.00 14.33 -1.95
CA MET C 97 -14.58 15.59 -1.33
C MET C 97 -14.80 16.85 -2.18
N THR C 98 -15.45 16.72 -3.33
CA THR C 98 -15.71 17.89 -4.17
C THR C 98 -17.10 17.82 -4.82
N GLU C 99 -17.30 18.66 -5.83
CA GLU C 99 -18.56 18.70 -6.55
C GLU C 99 -18.32 18.23 -7.97
N ASN C 100 -17.13 17.70 -8.21
CA ASN C 100 -16.89 16.93 -9.41
C ASN C 100 -17.82 15.72 -9.40
N SER C 101 -18.38 15.45 -10.57
CA SER C 101 -19.24 14.31 -10.76
C SER C 101 -18.34 13.19 -11.26
N LYS C 102 -18.59 11.99 -10.77
CA LYS C 102 -17.84 10.80 -11.16
C LYS C 102 -17.84 10.59 -12.68
N PRO C 103 -16.65 10.68 -13.33
CA PRO C 103 -16.53 10.53 -14.78
C PRO C 103 -16.85 9.13 -15.30
N ARG C 104 -17.24 9.06 -16.57
CA ARG C 104 -17.53 7.79 -17.18
C ARG C 104 -16.23 7.00 -17.37
N PHE C 105 -15.20 7.64 -17.88
CA PHE C 105 -13.94 6.94 -18.06
C PHE C 105 -12.92 7.39 -17.05
N LEU C 106 -11.96 6.50 -16.76
CA LEU C 106 -10.83 6.84 -15.90
C LEU C 106 -9.97 7.86 -16.60
N PRO C 107 -9.66 8.96 -15.90
CA PRO C 107 -8.75 9.98 -16.43
C PRO C 107 -7.27 9.60 -16.22
N ASP C 108 -6.40 10.29 -16.96
CA ASP C 108 -4.98 10.05 -16.82
C ASP C 108 -4.49 10.72 -15.49
N LEU C 109 -5.01 11.90 -15.15
CA LEU C 109 -4.53 12.61 -13.97
C LEU C 109 -5.62 13.37 -13.24
N TYR C 110 -5.29 13.81 -12.02
CA TYR C 110 -6.11 14.81 -11.33
C TYR C 110 -5.25 15.97 -10.79
N ASP C 111 -5.63 17.20 -11.13
CA ASP C 111 -4.92 18.38 -10.68
C ASP C 111 -5.53 18.98 -9.39
N TYR C 112 -4.73 19.01 -8.33
CA TYR C 112 -5.20 19.44 -7.02
C TYR C 112 -5.31 20.96 -6.96
N LYS C 113 -4.53 21.64 -7.78
CA LYS C 113 -4.54 23.09 -7.82
C LYS C 113 -5.83 23.59 -8.47
N THR C 114 -6.16 23.06 -9.64
CA THR C 114 -7.28 23.54 -10.43
C THR C 114 -8.50 22.66 -10.28
N ASN C 115 -8.38 21.60 -9.51
CA ASN C 115 -9.48 20.64 -9.35
C ASN C 115 -10.10 20.11 -10.62
N LYS C 116 -9.27 19.81 -11.60
CA LYS C 116 -9.72 19.27 -12.87
C LYS C 116 -9.21 17.85 -13.04
N PHE C 117 -9.94 17.05 -13.77
CA PHE C 117 -9.45 15.76 -14.23
C PHE C 117 -8.79 15.99 -15.58
N ILE C 118 -7.71 15.28 -15.84
CA ILE C 118 -6.95 15.48 -17.05
C ILE C 118 -6.85 14.22 -17.87
N GLU C 119 -7.29 14.31 -19.12
CA GLU C 119 -7.02 13.26 -20.06
C GLU C 119 -5.81 13.63 -20.90
N ILE C 120 -4.91 12.67 -21.01
CA ILE C 120 -3.77 12.84 -21.87
C ILE C 120 -3.83 11.87 -23.06
N GLY C 121 -3.52 12.44 -24.20
CA GLY C 121 -3.37 11.69 -25.43
C GLY C 121 -2.03 11.99 -26.13
N VAL C 122 -1.40 10.96 -26.68
CA VAL C 122 -0.25 11.11 -27.56
C VAL C 122 -0.64 10.51 -28.92
N THR C 123 -0.20 11.15 -29.99
CA THR C 123 -0.64 10.75 -31.31
C THR C 123 0.51 10.77 -32.32
N ARG C 124 0.38 9.97 -33.35
CA ARG C 124 1.37 9.89 -34.42
C ARG C 124 0.77 10.65 -35.57
N ARG C 125 -0.56 10.76 -35.56
CA ARG C 125 -1.29 11.54 -36.55
C ARG C 125 -1.18 13.03 -36.26
N LYS C 126 -2.29 13.75 -36.42
CA LYS C 126 -2.28 15.20 -36.22
C LYS C 126 -3.08 15.55 -34.99
N VAL C 127 -2.55 16.47 -34.19
CA VAL C 127 -3.19 16.84 -32.92
C VAL C 127 -4.67 17.21 -33.02
N GLU C 128 -5.07 17.92 -34.07
CA GLU C 128 -6.46 18.33 -34.20
C GLU C 128 -7.41 17.14 -34.31
N ASP C 129 -7.09 16.19 -35.20
CA ASP C 129 -7.89 14.99 -35.38
C ASP C 129 -8.10 14.25 -34.06
N TYR C 130 -6.98 13.96 -33.39
CA TYR C 130 -7.02 13.24 -32.11
C TYR C 130 -7.82 14.02 -31.07
N TYR C 131 -7.59 15.32 -31.04
CA TYR C 131 -8.25 16.20 -30.09
C TYR C 131 -9.75 16.14 -30.26
N TYR C 132 -10.21 16.28 -31.47
CA TYR C 132 -11.65 16.28 -31.66
C TYR C 132 -12.23 14.88 -31.49
N GLU C 133 -11.39 13.86 -31.72
CA GLU C 133 -11.79 12.48 -31.50
C GLU C 133 -12.00 12.25 -30.00
N LYS C 134 -11.16 12.88 -29.19
CA LYS C 134 -11.21 12.66 -27.77
C LYS C 134 -12.28 13.55 -27.15
N ALA C 135 -12.22 14.83 -27.49
CA ALA C 135 -13.15 15.85 -27.02
C ALA C 135 -14.57 15.35 -27.18
N SER C 136 -14.79 14.75 -28.35
CA SER C 136 -16.06 14.20 -28.74
C SER C 136 -16.01 12.71 -28.45
N LYS C 137 -16.37 12.35 -27.22
CA LYS C 137 -16.26 11.00 -26.68
C LYS C 137 -16.21 11.30 -25.21
N LEU C 138 -15.97 12.59 -24.95
CA LEU C 138 -15.68 13.07 -23.62
C LEU C 138 -16.53 14.29 -23.42
N LYS C 139 -17.53 14.42 -24.28
CA LYS C 139 -18.33 15.63 -24.28
C LYS C 139 -19.19 15.71 -23.02
N GLY C 140 -19.33 16.94 -22.52
CA GLY C 140 -20.03 17.18 -21.28
C GLY C 140 -19.05 17.19 -20.12
N GLU C 141 -18.57 16.02 -19.74
CA GLU C 141 -17.94 15.84 -18.43
C GLU C 141 -16.62 16.53 -18.25
N ASN C 142 -16.65 17.86 -18.29
CA ASN C 142 -15.45 18.71 -18.29
C ASN C 142 -14.18 18.15 -17.66
N VAL C 143 -13.51 17.36 -18.46
CA VAL C 143 -12.18 16.92 -18.18
C VAL C 143 -11.25 17.71 -19.11
N TYR C 144 -10.22 18.33 -18.56
CA TYR C 144 -9.24 19.06 -19.35
C TYR C 144 -8.47 18.09 -20.22
N ILE C 145 -8.29 18.44 -21.49
CA ILE C 145 -7.68 17.52 -22.44
C ILE C 145 -6.37 18.08 -22.96
N HIS C 146 -5.31 17.30 -22.87
CA HIS C 146 -4.02 17.71 -23.41
C HIS C 146 -3.39 16.65 -24.34
N ILE C 147 -3.22 17.06 -25.60
CA ILE C 147 -2.74 16.18 -26.65
C ILE C 147 -1.34 16.57 -27.05
N PHE C 148 -0.47 15.58 -27.17
CA PHE C 148 0.85 15.78 -27.75
C PHE C 148 1.01 14.91 -28.98
N SER C 149 1.92 15.31 -29.85
CA SER C 149 2.28 14.45 -30.96
C SER C 149 3.79 14.25 -31.08
N PHE C 150 4.17 13.45 -32.06
CA PHE C 150 5.57 13.11 -32.24
C PHE C 150 6.29 14.14 -33.10
N ASP C 151 5.52 14.95 -33.81
CA ASP C 151 6.09 16.08 -34.54
C ASP C 151 6.18 17.34 -33.70
N GLY C 152 6.12 17.18 -32.38
CA GLY C 152 6.26 18.30 -31.48
C GLY C 152 5.09 19.26 -31.36
N GLU C 153 4.02 19.03 -32.12
CA GLU C 153 2.88 19.90 -31.99
C GLU C 153 2.11 19.47 -30.74
N GLU C 154 1.15 20.29 -30.33
CA GLU C 154 0.52 20.13 -29.03
C GLU C 154 -0.82 20.83 -29.01
N MET C 155 -1.80 20.30 -28.29
CA MET C 155 -3.10 20.95 -28.27
C MET C 155 -3.89 20.67 -27.01
N ALA C 156 -4.23 21.74 -26.31
CA ALA C 156 -4.98 21.65 -25.07
C ALA C 156 -6.36 22.28 -25.14
N THR C 157 -7.24 21.89 -24.21
CA THR C 157 -8.57 22.45 -24.12
C THR C 157 -8.51 23.97 -24.08
N ASP C 158 -9.27 24.61 -24.98
CA ASP C 158 -9.35 26.08 -25.06
C ASP C 158 -8.00 26.79 -25.12
N ASP C 159 -6.94 26.03 -25.41
CA ASP C 159 -5.60 26.55 -25.58
C ASP C 159 -4.93 27.21 -24.37
N GLU C 160 -5.31 26.82 -23.15
CA GLU C 160 -4.52 27.19 -21.98
C GLU C 160 -3.86 25.97 -21.39
N TYR C 161 -2.71 26.17 -20.76
CA TYR C 161 -1.91 25.06 -20.28
C TYR C 161 -1.68 25.15 -18.78
N ILE C 162 -2.18 24.17 -18.04
CA ILE C 162 -1.98 24.12 -16.61
C ILE C 162 -0.52 23.77 -16.34
N LEU C 163 0.14 23.24 -17.35
CA LEU C 163 1.51 22.73 -17.22
C LEU C 163 2.51 23.80 -17.63
N ASP C 164 3.62 23.91 -16.89
CA ASP C 164 4.66 24.90 -17.19
C ASP C 164 5.32 24.62 -18.53
N GLU C 165 5.88 25.67 -19.10
CA GLU C 165 6.35 25.55 -20.44
C GLU C 165 7.55 24.67 -20.53
N GLU C 166 8.31 24.65 -19.46
CA GLU C 166 9.51 23.85 -19.48
C GLU C 166 9.19 22.34 -19.55
N SER C 167 8.19 21.91 -18.77
CA SER C 167 7.81 20.51 -18.70
C SER C 167 7.16 20.06 -20.00
N ARG C 168 6.44 20.98 -20.64
CA ARG C 168 5.80 20.73 -21.92
C ARG C 168 6.88 20.56 -22.99
N ALA C 169 7.94 21.33 -22.82
CA ALA C 169 9.09 21.24 -23.70
C ALA C 169 9.66 19.85 -23.62
N ARG C 170 10.18 19.58 -22.43
CA ARG C 170 10.79 18.32 -22.05
C ARG C 170 9.98 17.12 -22.63
N ILE C 171 8.67 17.17 -22.47
CA ILE C 171 7.80 16.20 -23.12
C ILE C 171 7.97 16.17 -24.62
N LYS C 172 7.76 17.31 -25.27
CA LYS C 172 7.74 17.35 -26.74
C LYS C 172 9.05 16.82 -27.35
N THR C 173 10.14 17.08 -26.63
CA THR C 173 11.44 16.56 -26.97
C THR C 173 11.43 15.08 -26.91
N ARG C 174 11.18 14.54 -25.72
CA ARG C 174 11.17 13.10 -25.53
C ARG C 174 10.40 12.35 -26.62
N LEU C 175 9.19 12.82 -26.92
CA LEU C 175 8.43 12.23 -28.02
C LEU C 175 9.22 12.29 -29.32
N PHE C 176 9.95 13.40 -29.47
CA PHE C 176 10.75 13.58 -30.66
C PHE C 176 11.89 12.57 -30.72
N VAL C 177 12.74 12.54 -29.68
CA VAL C 177 13.76 11.52 -29.51
C VAL C 177 13.26 10.13 -29.88
N LEU C 178 12.14 9.75 -29.26
CA LEU C 178 11.53 8.47 -29.56
C LEU C 178 11.24 8.28 -31.04
N ARG C 179 10.65 9.28 -31.67
CA ARG C 179 10.37 9.20 -33.11
C ARG C 179 11.66 8.94 -33.93
N GLN C 180 12.72 9.68 -33.62
CA GLN C 180 13.99 9.44 -34.26
C GLN C 180 14.37 7.98 -34.09
N GLU C 181 14.66 7.59 -32.85
CA GLU C 181 14.98 6.22 -32.49
C GLU C 181 14.20 5.12 -33.24
N LEU C 182 12.89 5.31 -33.34
CA LEU C 182 12.03 4.37 -34.03
C LEU C 182 12.37 4.34 -35.49
N ALA C 183 12.63 5.52 -36.03
CA ALA C 183 12.91 5.66 -37.45
C ALA C 183 14.21 4.94 -37.75
N THR C 184 15.26 5.30 -37.00
CA THR C 184 16.57 4.67 -37.19
C THR C 184 16.54 3.17 -36.93
N ALA C 185 15.58 2.71 -36.14
CA ALA C 185 15.40 1.28 -35.97
C ALA C 185 14.41 0.69 -36.99
N GLY C 186 13.94 1.54 -37.90
CA GLY C 186 13.01 1.10 -38.95
C GLY C 186 11.61 0.76 -38.46
N LEU C 187 11.25 1.25 -37.29
CA LEU C 187 10.00 0.85 -36.69
C LEU C 187 8.99 1.96 -36.81
N TRP C 188 9.50 3.16 -37.11
CA TRP C 188 8.63 4.34 -37.13
C TRP C 188 7.38 4.17 -38.02
N ASP C 189 7.59 3.61 -39.20
CA ASP C 189 6.55 3.54 -40.23
C ASP C 189 5.38 2.65 -39.85
N SER C 190 5.69 1.39 -39.54
CA SER C 190 4.70 0.44 -39.08
C SER C 190 3.91 1.00 -37.90
N PHE C 191 4.62 1.72 -37.04
CA PHE C 191 4.04 2.27 -35.81
C PHE C 191 3.08 3.42 -36.07
N ARG C 192 3.58 4.43 -36.78
CA ARG C 192 2.80 5.61 -37.18
C ARG C 192 1.46 5.22 -37.81
N GLN C 193 1.48 4.12 -38.56
CA GLN C 193 0.29 3.66 -39.25
C GLN C 193 -0.65 2.84 -38.38
N SER C 194 -0.10 2.03 -37.49
CA SER C 194 -0.89 1.14 -36.64
C SER C 194 -1.98 1.84 -35.81
N GLU C 195 -1.94 3.17 -35.77
CA GLU C 195 -2.85 3.92 -34.90
C GLU C 195 -4.33 3.74 -35.29
N LYS C 196 -5.20 3.64 -34.27
CA LYS C 196 -6.65 3.39 -34.41
C LYS C 196 -6.98 1.96 -34.88
MN MN D . -11.71 -1.31 16.14
MN MN E . 13.85 -6.54 9.42
MN MN F . -4.85 8.68 -22.40
#